data_5U10
#
_entry.id   5U10
#
_cell.length_a   96.541
_cell.length_b   83.868
_cell.length_c   83.933
_cell.angle_alpha   90.00
_cell.angle_beta   111.03
_cell.angle_gamma   90.00
#
_symmetry.space_group_name_H-M   'C 1 2 1'
#
loop_
_entity.id
_entity.type
_entity.pdbx_description
1 polymer 'Dihydropteroate synthase'
2 non-polymer 'PHOSPHATE ION'
3 non-polymer 'PTEROIC ACID'
4 water water
#
_entity_poly.entity_id   1
_entity_poly.type   'polypeptide(L)'
_entity_poly.pdbx_seq_one_letter_code
;GSMKLFAQGTSLDLSHPHVMGILNVTPDSFSDGGTHNSLIDAVKHANLMINAGATIIDVGGESTRPGAAEVSVEEELQRV
IPVVEAIAQRFEVWISVDTSKPEVIRESAKVGAHIINDIRSLSEPGALEAAAETGLPVCLMHMQGNPKTMQEAPKYDDVF
AEVNRYFIEQIARCEQAGIAKEKLLLDPGFGFGKNLSHNYSLLARLAEFHHFNLPLLVGMSRKSMIGQLLNVGPSERLSG
SLACAVIAAMQGAHIIRVHDVKETVEAMRVVEATLSAKENKRYE
;
_entity_poly.pdbx_strand_id   A,B
#
loop_
_chem_comp.id
_chem_comp.type
_chem_comp.name
_chem_comp.formula
PO4 non-polymer 'PHOSPHATE ION' 'O4 P -3'
PT1 non-polymer 'PTEROIC ACID' 'C14 H12 N6 O3'
#
# COMPACT_ATOMS: atom_id res chain seq x y z
N MET A 3 21.59 -9.00 -4.29
CA MET A 3 21.00 -9.29 -5.64
C MET A 3 21.22 -8.09 -6.58
N LYS A 4 21.80 -8.36 -7.76
CA LYS A 4 22.18 -7.31 -8.70
C LYS A 4 22.04 -7.78 -10.14
N LEU A 5 21.76 -6.85 -11.06
CA LEU A 5 21.73 -7.14 -12.50
C LEU A 5 22.82 -6.34 -13.16
N PHE A 6 23.31 -6.87 -14.29
CA PHE A 6 24.42 -6.28 -15.03
C PHE A 6 24.04 -6.17 -16.49
N ALA A 7 24.23 -4.99 -17.04
CA ALA A 7 23.93 -4.74 -18.44
C ALA A 7 24.64 -3.47 -18.89
N GLN A 8 25.05 -3.42 -20.15
CA GLN A 8 25.60 -2.21 -20.76
C GLN A 8 26.74 -1.54 -19.97
N GLY A 9 27.53 -2.36 -19.29
CA GLY A 9 28.64 -1.88 -18.46
C GLY A 9 28.24 -1.03 -17.26
N THR A 10 27.06 -1.32 -16.70
CA THR A 10 26.61 -0.73 -15.43
C THR A 10 25.91 -1.83 -14.67
N SER A 11 25.38 -1.51 -13.50
CA SER A 11 24.60 -2.45 -12.73
C SER A 11 23.37 -1.81 -12.11
N LEU A 12 22.47 -2.67 -11.65
CA LEU A 12 21.30 -2.28 -10.91
C LEU A 12 21.30 -3.08 -9.63
N ASP A 13 21.14 -2.37 -8.52
CA ASP A 13 21.22 -2.95 -7.18
C ASP A 13 19.81 -3.17 -6.67
N LEU A 14 19.44 -4.44 -6.47
CA LEU A 14 18.07 -4.83 -6.09
C LEU A 14 17.98 -5.27 -4.63
N SER A 15 18.67 -4.54 -3.76
CA SER A 15 18.49 -4.68 -2.31
C SER A 15 17.33 -3.80 -1.82
N HIS A 16 17.01 -2.75 -2.58
CA HIS A 16 15.81 -1.93 -2.35
C HIS A 16 14.84 -1.97 -3.58
N PRO A 17 13.52 -1.76 -3.35
CA PRO A 17 12.59 -1.76 -4.49
C PRO A 17 12.84 -0.61 -5.52
N HIS A 18 12.83 -0.95 -6.81
CA HIS A 18 12.91 0.04 -7.88
C HIS A 18 11.55 0.31 -8.52
N VAL A 19 11.30 1.56 -8.86
CA VAL A 19 10.13 1.97 -9.61
C VAL A 19 10.48 2.05 -11.11
N MET A 20 9.74 1.29 -11.92
CA MET A 20 9.90 1.26 -13.35
C MET A 20 8.77 2.09 -13.94
N GLY A 21 9.12 3.17 -14.65
CA GLY A 21 8.14 4.06 -15.24
C GLY A 21 7.71 3.60 -16.62
N ILE A 22 6.40 3.61 -16.89
CA ILE A 22 5.87 3.14 -18.18
C ILE A 22 5.93 4.22 -19.25
N LEU A 23 6.58 3.91 -20.37
CA LEU A 23 6.60 4.81 -21.52
C LEU A 23 5.99 4.10 -22.72
N ASN A 24 4.68 4.19 -22.83
CA ASN A 24 3.94 3.64 -23.96
C ASN A 24 4.22 4.52 -25.19
N VAL A 25 4.71 3.92 -26.26
CA VAL A 25 4.91 4.61 -27.56
C VAL A 25 4.10 3.94 -28.68
N THR A 26 2.90 3.49 -28.36
CA THR A 26 1.95 3.05 -29.37
C THR A 26 1.11 4.32 -29.64
N PRO A 27 1.04 4.78 -30.91
CA PRO A 27 0.21 5.97 -31.13
C PRO A 27 -1.29 5.71 -30.94
N ASP A 28 -2.01 6.75 -30.51
CA ASP A 28 -3.47 6.76 -30.49
C ASP A 28 -3.97 7.81 -31.48
N SER A 29 -5.13 7.57 -32.08
CA SER A 29 -5.66 8.40 -33.16
C SER A 29 -6.41 9.63 -32.66
N ASN A 37 5.10 15.44 -32.31
CA ASN A 37 6.36 14.71 -32.34
C ASN A 37 6.41 13.65 -31.22
N SER A 38 6.27 12.38 -31.61
CA SER A 38 6.30 11.27 -30.65
C SER A 38 7.66 11.10 -29.96
N LEU A 39 8.75 11.28 -30.69
CA LEU A 39 10.09 11.13 -30.11
C LEU A 39 10.35 12.18 -29.04
N ILE A 40 10.04 13.43 -29.34
CA ILE A 40 10.30 14.54 -28.39
C ILE A 40 9.45 14.38 -27.12
N ASP A 41 8.16 14.11 -27.32
CA ASP A 41 7.22 13.91 -26.21
C ASP A 41 7.58 12.71 -25.36
N ALA A 42 7.97 11.62 -26.01
CA ALA A 42 8.48 10.45 -25.30
C ALA A 42 9.67 10.81 -24.41
N VAL A 43 10.62 11.58 -24.93
CA VAL A 43 11.80 11.94 -24.13
C VAL A 43 11.44 12.93 -23.01
N LYS A 44 10.56 13.90 -23.29
CA LYS A 44 10.03 14.77 -22.23
C LYS A 44 9.41 13.93 -21.10
N HIS A 45 8.54 12.99 -21.49
CA HIS A 45 7.86 12.12 -20.53
C HIS A 45 8.89 11.32 -19.70
N ALA A 46 9.90 10.77 -20.37
CA ALA A 46 10.93 10.01 -19.66
C ALA A 46 11.67 10.91 -18.67
N ASN A 47 11.91 12.15 -19.07
CA ASN A 47 12.59 13.09 -18.21
C ASN A 47 11.85 13.34 -16.89
N LEU A 48 10.56 13.68 -16.98
CA LEU A 48 9.69 13.84 -15.79
C LEU A 48 9.76 12.62 -14.89
N MET A 49 9.66 11.43 -15.50
CA MET A 49 9.69 10.17 -14.74
C MET A 49 11.00 9.94 -14.05
N ILE A 50 12.11 10.34 -14.67
CA ILE A 50 13.43 10.19 -14.05
C ILE A 50 13.52 11.13 -12.85
N ASN A 51 13.09 12.38 -13.05
CA ASN A 51 13.08 13.36 -11.98
C ASN A 51 12.17 12.94 -10.85
N ALA A 52 11.04 12.32 -11.18
CA ALA A 52 10.13 11.75 -10.17
C ALA A 52 10.73 10.58 -9.38
N GLY A 53 11.83 9.99 -9.86
CA GLY A 53 12.58 8.96 -9.15
C GLY A 53 12.59 7.58 -9.82
N ALA A 54 12.03 7.45 -11.02
CA ALA A 54 12.07 6.15 -11.69
C ALA A 54 13.54 5.85 -12.01
N THR A 55 13.95 4.63 -11.68
CA THR A 55 15.30 4.15 -12.00
C THR A 55 15.36 3.19 -13.19
N ILE A 56 14.21 2.82 -13.74
CA ILE A 56 14.12 2.07 -15.00
C ILE A 56 12.96 2.70 -15.77
N ILE A 57 13.14 2.89 -17.09
CA ILE A 57 12.04 3.26 -17.99
C ILE A 57 11.74 2.08 -18.91
N ASP A 58 10.46 1.74 -19.05
CA ASP A 58 10.00 0.61 -19.86
C ASP A 58 9.34 1.10 -21.15
N VAL A 59 10.02 0.88 -22.28
CA VAL A 59 9.59 1.44 -23.55
C VAL A 59 8.84 0.35 -24.26
N GLY A 60 7.61 0.63 -24.65
CA GLY A 60 6.74 -0.39 -25.24
C GLY A 60 6.09 0.14 -26.49
N GLY A 61 6.32 -0.55 -27.60
CA GLY A 61 5.76 -0.17 -28.90
C GLY A 61 4.67 -1.06 -29.45
N GLU A 62 4.31 -2.14 -28.75
CA GLU A 62 3.15 -2.96 -29.12
C GLU A 62 2.25 -3.00 -27.91
N SER A 63 1.00 -2.59 -28.10
CA SER A 63 0.05 -2.67 -27.02
C SER A 63 -0.12 -4.13 -26.73
N THR A 64 -0.11 -4.46 -25.45
CA THR A 64 -0.27 -5.83 -25.00
C THR A 64 -1.54 -5.98 -24.16
N ARG A 65 -2.45 -5.02 -24.33
CA ARG A 65 -3.72 -5.03 -23.64
C ARG A 65 -4.70 -6.05 -24.23
N PRO A 66 -5.69 -6.52 -23.42
CA PRO A 66 -6.66 -7.49 -23.93
C PRO A 66 -7.31 -6.97 -25.21
N GLY A 67 -7.35 -7.80 -26.24
CA GLY A 67 -7.88 -7.40 -27.53
C GLY A 67 -6.93 -6.67 -28.44
N ALA A 68 -5.72 -6.31 -27.96
CA ALA A 68 -4.79 -5.51 -28.76
C ALA A 68 -4.43 -6.17 -30.10
N ALA A 69 -4.26 -5.33 -31.12
CA ALA A 69 -3.83 -5.74 -32.46
C ALA A 69 -2.32 -5.86 -32.50
N GLU A 70 -1.82 -6.75 -33.34
CA GLU A 70 -0.39 -6.89 -33.51
C GLU A 70 0.17 -5.72 -34.32
N VAL A 71 1.46 -5.51 -34.17
CA VAL A 71 2.14 -4.42 -34.86
C VAL A 71 3.26 -5.03 -35.70
N SER A 72 3.44 -4.53 -36.93
CA SER A 72 4.51 -5.00 -37.82
C SER A 72 5.86 -4.70 -37.21
N VAL A 73 6.87 -5.51 -37.54
CA VAL A 73 8.22 -5.29 -37.03
C VAL A 73 8.79 -3.94 -37.45
N GLU A 74 8.51 -3.52 -38.68
CA GLU A 74 8.98 -2.20 -39.15
C GLU A 74 8.36 -1.03 -38.34
N GLU A 75 7.08 -1.12 -38.02
CA GLU A 75 6.39 -0.10 -37.22
C GLU A 75 6.89 -0.11 -35.76
N GLU A 76 7.06 -1.29 -35.17
CA GLU A 76 7.54 -1.37 -33.80
C GLU A 76 8.93 -0.77 -33.68
N LEU A 77 9.82 -1.07 -34.62
CA LEU A 77 11.19 -0.56 -34.65
C LEU A 77 11.21 0.96 -34.72
N GLN A 78 10.40 1.51 -35.63
CA GLN A 78 10.26 2.96 -35.79
C GLN A 78 9.88 3.65 -34.48
N ARG A 79 8.93 3.07 -33.74
CA ARG A 79 8.46 3.63 -32.47
C ARG A 79 9.48 3.51 -31.35
N VAL A 80 10.13 2.36 -31.25
CA VAL A 80 10.88 1.97 -30.06
C VAL A 80 12.35 2.39 -30.13
N ILE A 81 13.02 2.05 -31.23
CA ILE A 81 14.49 2.21 -31.31
C ILE A 81 14.98 3.66 -31.14
N PRO A 82 14.35 4.63 -31.82
CA PRO A 82 14.76 6.03 -31.61
C PRO A 82 14.59 6.49 -30.15
N VAL A 83 13.51 6.06 -29.51
CA VAL A 83 13.24 6.41 -28.13
C VAL A 83 14.29 5.81 -27.19
N VAL A 84 14.61 4.53 -27.39
CA VAL A 84 15.64 3.86 -26.55
C VAL A 84 17.00 4.55 -26.70
N GLU A 85 17.35 4.89 -27.95
CA GLU A 85 18.63 5.55 -28.26
C GLU A 85 18.75 6.89 -27.55
N ALA A 86 17.77 7.77 -27.80
CA ALA A 86 17.73 9.12 -27.21
C ALA A 86 17.85 9.13 -25.68
N ILE A 87 17.13 8.24 -25.01
CA ILE A 87 17.18 8.07 -23.56
C ILE A 87 18.55 7.57 -23.08
N ALA A 88 19.09 6.58 -23.80
CA ALA A 88 20.38 5.99 -23.44
C ALA A 88 21.55 6.95 -23.56
N GLN A 89 21.46 7.92 -24.47
CA GLN A 89 22.53 8.91 -24.63
C GLN A 89 22.31 10.15 -23.81
N ARG A 90 21.06 10.55 -23.57
CA ARG A 90 20.79 11.70 -22.70
C ARG A 90 20.86 11.39 -21.20
N PHE A 91 20.36 10.24 -20.76
CA PHE A 91 20.27 9.92 -19.33
C PHE A 91 21.07 8.70 -18.96
N GLU A 92 21.15 8.43 -17.67
CA GLU A 92 21.84 7.25 -17.14
C GLU A 92 20.89 6.17 -16.59
N VAL A 93 19.59 6.46 -16.63
CA VAL A 93 18.57 5.54 -16.12
C VAL A 93 18.59 4.24 -16.91
N TRP A 94 18.27 3.12 -16.25
CA TRP A 94 18.14 1.86 -16.97
C TRP A 94 16.88 1.85 -17.84
N ILE A 95 16.90 0.99 -18.85
CA ILE A 95 15.95 1.03 -19.96
C ILE A 95 15.55 -0.41 -20.20
N SER A 96 14.28 -0.70 -20.00
CA SER A 96 13.74 -1.97 -20.38
C SER A 96 12.89 -1.78 -21.65
N VAL A 97 12.95 -2.78 -22.52
CA VAL A 97 12.18 -2.77 -23.75
C VAL A 97 11.14 -3.85 -23.70
N ASP A 98 9.92 -3.41 -23.91
CA ASP A 98 8.75 -4.21 -23.75
C ASP A 98 8.40 -4.72 -25.16
N THR A 99 9.03 -5.81 -25.56
CA THR A 99 8.89 -6.34 -26.93
C THR A 99 9.01 -7.85 -26.95
N SER A 100 8.42 -8.45 -27.98
CA SER A 100 8.52 -9.89 -28.24
C SER A 100 9.30 -10.25 -29.53
N LYS A 101 9.76 -9.22 -30.26
CA LYS A 101 10.29 -9.39 -31.62
C LYS A 101 11.81 -9.44 -31.59
N PRO A 102 12.41 -10.51 -32.18
CA PRO A 102 13.87 -10.66 -32.15
C PRO A 102 14.63 -9.49 -32.72
N GLU A 103 14.11 -8.87 -33.77
CA GLU A 103 14.75 -7.69 -34.37
C GLU A 103 14.69 -6.49 -33.46
N VAL A 104 13.59 -6.31 -32.72
CA VAL A 104 13.52 -5.22 -31.75
C VAL A 104 14.45 -5.50 -30.58
N ILE A 105 14.52 -6.76 -30.13
CA ILE A 105 15.46 -7.17 -29.07
C ILE A 105 16.91 -6.85 -29.48
N ARG A 106 17.29 -7.33 -30.65
CA ARG A 106 18.63 -7.10 -31.22
C ARG A 106 18.94 -5.61 -31.32
N GLU A 107 18.09 -4.86 -32.02
CA GLU A 107 18.29 -3.42 -32.23
C GLU A 107 18.21 -2.57 -30.95
N SER A 108 17.25 -2.89 -30.09
CA SER A 108 17.15 -2.24 -28.76
C SER A 108 18.48 -2.28 -28.01
N ALA A 109 19.07 -3.48 -27.95
CA ALA A 109 20.32 -3.72 -27.25
C ALA A 109 21.46 -2.90 -27.80
N LYS A 110 21.55 -2.82 -29.12
CA LYS A 110 22.62 -2.08 -29.79
C LYS A 110 22.62 -0.60 -29.44
N VAL A 111 21.44 -0.01 -29.28
CA VAL A 111 21.33 1.41 -28.92
C VAL A 111 21.21 1.68 -27.41
N GLY A 112 21.43 0.66 -26.59
CA GLY A 112 21.64 0.85 -25.13
C GLY A 112 20.63 0.30 -24.12
N ALA A 113 19.74 -0.59 -24.53
CA ALA A 113 18.73 -1.18 -23.62
C ALA A 113 19.36 -2.13 -22.60
N HIS A 114 18.81 -2.15 -21.38
CA HIS A 114 19.39 -2.90 -20.29
C HIS A 114 18.65 -4.19 -20.02
N ILE A 115 17.32 -4.16 -20.17
CA ILE A 115 16.50 -5.35 -19.88
C ILE A 115 15.54 -5.63 -21.04
N ILE A 116 15.49 -6.90 -21.44
CA ILE A 116 14.44 -7.39 -22.35
C ILE A 116 13.29 -7.79 -21.47
N ASN A 117 12.17 -7.11 -21.67
CA ASN A 117 10.98 -7.31 -20.90
C ASN A 117 9.91 -7.78 -21.87
N ASP A 118 9.83 -9.10 -22.01
CA ASP A 118 8.94 -9.71 -22.98
C ASP A 118 7.78 -10.39 -22.24
N ILE A 119 6.57 -9.90 -22.53
CA ILE A 119 5.35 -10.48 -21.99
C ILE A 119 5.06 -11.89 -22.51
N ARG A 120 5.65 -12.24 -23.65
CA ARG A 120 5.58 -13.59 -24.22
C ARG A 120 6.74 -14.52 -23.80
N SER A 121 7.64 -14.02 -22.95
CA SER A 121 8.76 -14.82 -22.42
C SER A 121 9.54 -15.53 -23.54
N LEU A 122 9.87 -14.75 -24.56
CA LEU A 122 10.68 -15.18 -25.70
C LEU A 122 10.08 -16.37 -26.46
N SER A 123 8.75 -16.43 -26.53
CA SER A 123 8.07 -17.51 -27.24
C SER A 123 8.03 -17.31 -28.76
N GLU A 124 8.31 -16.11 -29.26
CA GLU A 124 8.27 -15.88 -30.70
C GLU A 124 9.49 -16.53 -31.38
N PRO A 125 9.32 -17.01 -32.64
CA PRO A 125 10.46 -17.50 -33.45
C PRO A 125 11.70 -16.62 -33.39
N GLY A 126 12.81 -17.18 -32.90
CA GLY A 126 14.04 -16.42 -32.81
C GLY A 126 14.20 -15.49 -31.60
N ALA A 127 13.13 -15.25 -30.83
CA ALA A 127 13.24 -14.35 -29.68
C ALA A 127 14.28 -14.85 -28.67
N LEU A 128 14.21 -16.16 -28.37
CA LEU A 128 15.09 -16.81 -27.40
C LEU A 128 16.56 -16.69 -27.75
N GLU A 129 16.90 -16.86 -29.04
CA GLU A 129 18.30 -16.75 -29.49
C GLU A 129 18.73 -15.30 -29.52
N ALA A 130 17.85 -14.42 -29.99
CA ALA A 130 18.18 -12.99 -30.05
C ALA A 130 18.46 -12.40 -28.67
N ALA A 131 17.68 -12.81 -27.67
CA ALA A 131 17.88 -12.37 -26.28
C ALA A 131 19.18 -12.94 -25.69
N ALA A 132 19.42 -14.22 -25.94
CA ALA A 132 20.67 -14.86 -25.57
C ALA A 132 21.83 -14.10 -26.19
N GLU A 133 21.72 -13.78 -27.48
CA GLU A 133 22.78 -13.06 -28.17
C GLU A 133 23.16 -11.70 -27.56
N THR A 134 22.19 -10.99 -27.01
CA THR A 134 22.46 -9.69 -26.38
C THR A 134 23.19 -9.83 -25.03
N GLY A 135 23.00 -10.96 -24.35
CA GLY A 135 23.50 -11.15 -22.99
C GLY A 135 22.78 -10.32 -21.93
N LEU A 136 21.69 -9.65 -22.28
CA LEU A 136 21.00 -8.76 -21.34
C LEU A 136 20.12 -9.56 -20.39
N PRO A 137 19.82 -8.98 -19.22
CA PRO A 137 18.78 -9.54 -18.37
C PRO A 137 17.45 -9.66 -19.11
N VAL A 138 16.71 -10.71 -18.79
CA VAL A 138 15.44 -11.01 -19.42
C VAL A 138 14.36 -11.21 -18.34
N CYS A 139 13.24 -10.50 -18.47
CA CYS A 139 12.08 -10.74 -17.60
C CYS A 139 11.12 -11.74 -18.25
N LEU A 140 10.83 -12.81 -17.53
CA LEU A 140 9.88 -13.81 -17.95
C LEU A 140 8.57 -13.56 -17.27
N MET A 141 7.51 -13.38 -18.06
CA MET A 141 6.18 -13.10 -17.54
C MET A 141 5.22 -14.24 -17.84
N HIS A 142 4.34 -14.53 -16.89
CA HIS A 142 3.29 -15.47 -17.16
C HIS A 142 2.09 -14.81 -17.83
N MET A 143 1.59 -15.48 -18.87
CA MET A 143 0.38 -15.10 -19.60
C MET A 143 -0.28 -16.40 -20.02
N GLN A 144 -1.59 -16.50 -19.82
CA GLN A 144 -2.37 -17.59 -20.33
C GLN A 144 -3.00 -17.16 -21.67
N GLY A 145 -2.59 -17.83 -22.74
CA GLY A 145 -3.01 -17.47 -24.10
C GLY A 145 -2.15 -16.37 -24.67
N ASN A 146 -2.78 -15.44 -25.38
CA ASN A 146 -2.11 -14.28 -25.98
C ASN A 146 -2.98 -13.04 -25.80
N PRO A 147 -2.43 -11.83 -26.05
CA PRO A 147 -3.24 -10.63 -25.78
C PRO A 147 -4.59 -10.57 -26.50
N LYS A 148 -4.67 -11.01 -27.76
CA LYS A 148 -5.96 -11.01 -28.47
C LYS A 148 -7.07 -11.76 -27.73
N THR A 149 -6.77 -12.92 -27.11
CA THR A 149 -7.84 -13.75 -26.50
C THR A 149 -7.72 -14.13 -25.01
N MET A 150 -6.65 -13.70 -24.32
CA MET A 150 -6.39 -14.13 -22.93
C MET A 150 -7.50 -13.83 -21.91
N GLN A 151 -8.17 -12.69 -22.06
CA GLN A 151 -9.27 -12.32 -21.15
C GLN A 151 -10.65 -12.90 -21.51
N GLU A 152 -10.78 -13.75 -22.54
CA GLU A 152 -12.09 -14.32 -22.89
C GLU A 152 -12.69 -15.18 -21.80
N ALA A 153 -11.91 -16.13 -21.30
CA ALA A 153 -12.38 -17.10 -20.30
C ALA A 153 -11.19 -17.65 -19.50
N PRO A 154 -10.50 -16.77 -18.76
CA PRO A 154 -9.36 -17.21 -17.95
C PRO A 154 -9.76 -18.30 -16.98
N LYS A 155 -8.98 -19.39 -16.93
CA LYS A 155 -9.34 -20.58 -16.19
C LYS A 155 -8.10 -21.26 -15.61
N TYR A 156 -8.14 -21.54 -14.30
CA TYR A 156 -7.11 -22.33 -13.61
C TYR A 156 -7.76 -23.21 -12.56
N ASP A 157 -7.23 -24.42 -12.41
CA ASP A 157 -7.56 -25.23 -11.23
C ASP A 157 -6.86 -24.62 -10.02
N ASP A 158 -5.61 -24.22 -10.20
CA ASP A 158 -4.79 -23.63 -9.12
C ASP A 158 -3.84 -22.62 -9.72
N VAL A 159 -4.22 -21.35 -9.72
CA VAL A 159 -3.45 -20.31 -10.42
C VAL A 159 -2.00 -20.13 -9.94
N PHE A 160 -1.78 -20.12 -8.64
CA PHE A 160 -0.40 -20.05 -8.14
C PHE A 160 0.46 -21.23 -8.61
N ALA A 161 -0.06 -22.44 -8.50
CA ALA A 161 0.66 -23.68 -8.87
C ALA A 161 1.00 -23.66 -10.35
N GLU A 162 0.03 -23.22 -11.15
CA GLU A 162 0.21 -23.16 -12.60
C GLU A 162 1.18 -22.09 -13.00
N VAL A 163 1.14 -20.92 -12.38
CA VAL A 163 2.12 -19.87 -12.71
C VAL A 163 3.52 -20.31 -12.22
N ASN A 164 3.57 -20.89 -11.04
CA ASN A 164 4.82 -21.44 -10.50
C ASN A 164 5.46 -22.50 -11.42
N ARG A 165 4.66 -23.42 -11.93
CA ARG A 165 5.13 -24.46 -12.86
C ARG A 165 5.67 -23.80 -14.14
N TYR A 166 4.92 -22.82 -14.65
CA TYR A 166 5.32 -22.07 -15.84
C TYR A 166 6.71 -21.47 -15.67
N PHE A 167 6.96 -20.85 -14.52
CA PHE A 167 8.28 -20.23 -14.26
C PHE A 167 9.39 -21.32 -14.25
N ILE A 168 9.08 -22.50 -13.69
CA ILE A 168 10.05 -23.61 -13.69
C ILE A 168 10.44 -23.92 -15.13
N GLU A 169 9.41 -24.15 -15.95
CA GLU A 169 9.59 -24.48 -17.36
C GLU A 169 10.36 -23.45 -18.15
N GLN A 170 10.03 -22.17 -17.99
CA GLN A 170 10.68 -21.10 -18.75
C GLN A 170 12.09 -20.80 -18.29
N ILE A 171 12.36 -20.90 -17.00
CA ILE A 171 13.73 -20.80 -16.48
C ILE A 171 14.62 -21.87 -17.17
N ALA A 172 14.14 -23.10 -17.22
CA ALA A 172 14.83 -24.21 -17.88
C ALA A 172 15.08 -23.89 -19.35
N ARG A 173 14.02 -23.45 -20.04
CA ARG A 173 14.07 -23.08 -21.45
C ARG A 173 15.17 -22.06 -21.73
N CYS A 174 15.26 -21.03 -20.89
CA CYS A 174 16.33 -20.02 -21.03
C CYS A 174 17.72 -20.53 -20.66
N GLU A 175 17.78 -21.42 -19.67
CA GLU A 175 19.04 -22.09 -19.29
C GLU A 175 19.57 -22.89 -20.47
N GLN A 176 18.73 -23.75 -21.05
CA GLN A 176 19.12 -24.54 -22.21
C GLN A 176 19.62 -23.71 -23.38
N ALA A 177 19.03 -22.54 -23.60
CA ALA A 177 19.48 -21.61 -24.64
C ALA A 177 20.76 -20.85 -24.30
N GLY A 178 21.35 -21.10 -23.14
CA GLY A 178 22.57 -20.43 -22.71
C GLY A 178 22.38 -19.10 -22.01
N ILE A 179 21.17 -18.84 -21.52
CA ILE A 179 20.92 -17.67 -20.68
C ILE A 179 20.92 -18.19 -19.24
N ALA A 180 21.80 -17.62 -18.43
CA ALA A 180 22.03 -18.05 -17.05
C ALA A 180 20.92 -17.57 -16.13
N LYS A 181 20.52 -18.43 -15.20
CA LYS A 181 19.58 -18.12 -14.11
C LYS A 181 19.70 -16.67 -13.60
N GLU A 182 20.94 -16.21 -13.46
CA GLU A 182 21.28 -14.91 -12.89
C GLU A 182 20.86 -13.73 -13.76
N LYS A 183 20.49 -13.98 -15.01
CA LYS A 183 20.00 -12.93 -15.91
C LYS A 183 18.48 -12.71 -15.80
N LEU A 184 17.78 -13.66 -15.17
CA LEU A 184 16.33 -13.75 -15.25
C LEU A 184 15.58 -12.97 -14.16
N LEU A 185 14.45 -12.40 -14.54
CA LEU A 185 13.48 -11.84 -13.61
C LEU A 185 12.16 -12.58 -13.83
N LEU A 186 11.34 -12.65 -12.80
CA LEU A 186 10.04 -13.31 -12.87
C LEU A 186 8.90 -12.33 -12.61
N ASP A 187 7.86 -12.42 -13.42
CA ASP A 187 6.69 -11.53 -13.32
C ASP A 187 5.43 -12.37 -13.45
N PRO A 188 4.61 -12.46 -12.40
CA PRO A 188 3.44 -13.31 -12.52
C PRO A 188 2.33 -12.84 -13.49
N GLY A 189 2.49 -11.68 -14.11
CA GLY A 189 1.61 -11.24 -15.19
C GLY A 189 0.22 -10.87 -14.76
N PHE A 190 0.11 -9.91 -13.85
CA PHE A 190 -1.22 -9.49 -13.40
C PHE A 190 -2.00 -8.99 -14.61
N GLY A 191 -3.25 -9.43 -14.73
CA GLY A 191 -4.14 -9.08 -15.87
C GLY A 191 -3.98 -9.85 -17.17
N PHE A 192 -2.95 -10.70 -17.26
CA PHE A 192 -2.66 -11.45 -18.49
C PHE A 192 -3.22 -12.86 -18.42
N GLY A 193 -4.50 -12.97 -18.75
CA GLY A 193 -5.21 -14.22 -18.71
C GLY A 193 -5.63 -14.61 -17.31
N LYS A 194 -6.21 -13.64 -16.59
CA LYS A 194 -6.63 -13.84 -15.21
C LYS A 194 -7.86 -12.97 -14.93
N ASN A 195 -8.84 -13.54 -14.25
CA ASN A 195 -9.92 -12.78 -13.63
C ASN A 195 -9.49 -12.20 -12.27
N LEU A 196 -10.42 -11.47 -11.64
CA LEU A 196 -10.20 -10.75 -10.39
C LEU A 196 -9.61 -11.61 -9.27
N SER A 197 -10.24 -12.76 -9.01
CA SER A 197 -9.83 -13.61 -7.90
C SER A 197 -8.45 -14.24 -8.18
N HIS A 198 -8.16 -14.56 -9.44
CA HIS A 198 -6.84 -15.09 -9.83
C HIS A 198 -5.73 -14.08 -9.54
N ASN A 199 -6.00 -12.81 -9.84
CA ASN A 199 -5.01 -11.75 -9.62
C ASN A 199 -4.71 -11.61 -8.13
N TYR A 200 -5.75 -11.52 -7.32
CA TYR A 200 -5.54 -11.36 -5.88
C TYR A 200 -4.93 -12.58 -5.22
N SER A 201 -5.19 -13.79 -5.73
CA SER A 201 -4.48 -14.98 -5.22
C SER A 201 -2.99 -14.85 -5.46
N LEU A 202 -2.61 -14.37 -6.64
CA LEU A 202 -1.20 -14.19 -6.96
C LEU A 202 -0.53 -13.10 -6.13
N LEU A 203 -1.25 -11.99 -5.94
CA LEU A 203 -0.74 -10.88 -5.13
C LEU A 203 -0.52 -11.33 -3.69
N ALA A 204 -1.51 -12.06 -3.18
CA ALA A 204 -1.52 -12.54 -1.82
C ALA A 204 -0.38 -13.53 -1.51
N ARG A 205 -0.01 -14.36 -2.51
CA ARG A 205 1.00 -15.40 -2.35
C ARG A 205 2.30 -15.04 -3.03
N LEU A 206 2.49 -13.76 -3.34
CA LEU A 206 3.62 -13.34 -4.15
C LEU A 206 4.96 -13.67 -3.50
N ALA A 207 5.07 -13.52 -2.19
CA ALA A 207 6.36 -13.76 -1.49
C ALA A 207 6.83 -15.20 -1.70
N GLU A 208 5.90 -16.13 -1.87
CA GLU A 208 6.26 -17.53 -2.11
C GLU A 208 7.01 -17.78 -3.43
N PHE A 209 6.96 -16.84 -4.38
CA PHE A 209 7.76 -16.94 -5.60
C PHE A 209 9.25 -16.64 -5.37
N HIS A 210 9.61 -16.15 -4.18
CA HIS A 210 11.02 -15.95 -3.84
C HIS A 210 11.86 -17.24 -3.82
N HIS A 211 11.22 -18.41 -3.74
CA HIS A 211 11.94 -19.69 -3.71
C HIS A 211 12.88 -19.90 -4.89
N PHE A 212 12.60 -19.28 -6.04
CA PHE A 212 13.53 -19.29 -7.17
C PHE A 212 14.77 -18.45 -6.92
N ASN A 213 14.80 -17.65 -5.86
CA ASN A 213 15.90 -16.72 -5.61
C ASN A 213 16.20 -15.81 -6.82
N LEU A 214 15.14 -15.29 -7.44
CA LEU A 214 15.26 -14.40 -8.59
C LEU A 214 14.46 -13.12 -8.36
N PRO A 215 14.88 -12.00 -8.96
CA PRO A 215 14.09 -10.77 -8.85
C PRO A 215 12.66 -10.94 -9.36
N LEU A 216 11.70 -10.53 -8.54
CA LEU A 216 10.30 -10.39 -8.92
C LEU A 216 10.00 -8.97 -9.43
N LEU A 217 9.28 -8.92 -10.55
CA LEU A 217 8.83 -7.69 -11.17
C LEU A 217 7.32 -7.83 -11.22
N VAL A 218 6.63 -6.73 -10.92
CA VAL A 218 5.18 -6.76 -10.90
C VAL A 218 4.66 -5.53 -11.59
N GLY A 219 3.52 -5.68 -12.26
CA GLY A 219 2.84 -4.55 -12.90
C GLY A 219 1.35 -4.67 -12.70
N MET A 220 0.81 -3.84 -11.80
CA MET A 220 -0.61 -3.73 -11.51
C MET A 220 -1.20 -2.32 -11.74
N SER A 221 -0.37 -1.34 -12.10
CA SER A 221 -0.79 0.07 -12.17
C SER A 221 -2.02 0.31 -13.04
N ARG A 222 -3.08 0.83 -12.43
CA ARG A 222 -4.32 1.20 -13.13
C ARG A 222 -5.07 0.04 -13.79
N LYS A 223 -4.78 -1.20 -13.39
CA LYS A 223 -5.31 -2.37 -14.08
C LYS A 223 -6.69 -2.71 -13.58
N SER A 224 -7.39 -3.54 -14.33
CA SER A 224 -8.77 -3.85 -14.00
C SER A 224 -8.92 -4.58 -12.67
N MET A 225 -7.85 -5.23 -12.16
CA MET A 225 -7.92 -5.86 -10.83
C MET A 225 -8.20 -4.82 -9.75
N ILE A 226 -7.79 -3.58 -10.01
CA ILE A 226 -8.19 -2.46 -9.19
C ILE A 226 -9.56 -1.89 -9.61
N GLY A 227 -9.73 -1.63 -10.90
CA GLY A 227 -10.96 -1.05 -11.47
C GLY A 227 -12.21 -1.81 -11.12
N GLN A 228 -12.16 -3.13 -11.33
CA GLN A 228 -13.29 -4.03 -11.03
C GLN A 228 -13.53 -4.18 -9.53
N LEU A 229 -12.49 -4.10 -8.73
CA LEU A 229 -12.69 -4.24 -7.29
C LEU A 229 -13.37 -2.99 -6.74
N LEU A 230 -12.88 -1.82 -7.14
CA LEU A 230 -13.36 -0.56 -6.59
C LEU A 230 -14.58 -0.01 -7.35
N ASN A 231 -14.76 -0.42 -8.62
CA ASN A 231 -15.80 0.11 -9.50
C ASN A 231 -15.53 1.59 -9.72
N VAL A 232 -14.37 1.84 -10.33
CA VAL A 232 -13.94 3.19 -10.67
C VAL A 232 -13.25 3.10 -12.03
N GLY A 233 -13.24 4.21 -12.76
CA GLY A 233 -12.62 4.26 -14.09
C GLY A 233 -11.12 4.26 -14.03
N PRO A 234 -10.47 4.25 -15.21
CA PRO A 234 -9.00 4.17 -15.30
C PRO A 234 -8.21 5.35 -14.75
N SER A 235 -8.78 6.54 -14.75
CA SER A 235 -8.10 7.72 -14.19
C SER A 235 -8.26 7.79 -12.66
N GLU A 236 -9.12 6.95 -12.09
CA GLU A 236 -9.50 6.99 -10.67
C GLU A 236 -8.81 5.94 -9.79
N ARG A 237 -7.67 5.43 -10.25
CA ARG A 237 -7.07 4.19 -9.68
C ARG A 237 -5.77 4.38 -8.95
N LEU A 238 -5.34 5.63 -8.77
CA LEU A 238 -4.05 5.89 -8.13
C LEU A 238 -3.95 5.27 -6.73
N SER A 239 -4.94 5.49 -5.87
CA SER A 239 -4.85 4.97 -4.51
C SER A 239 -4.73 3.44 -4.51
N GLY A 240 -5.60 2.80 -5.31
CA GLY A 240 -5.59 1.35 -5.51
C GLY A 240 -4.29 0.83 -6.07
N SER A 241 -3.68 1.58 -6.99
CA SER A 241 -2.39 1.24 -7.58
C SER A 241 -1.27 1.30 -6.53
N LEU A 242 -1.30 2.35 -5.69
CA LEU A 242 -0.31 2.45 -4.63
C LEU A 242 -0.48 1.34 -3.62
N ALA A 243 -1.73 0.95 -3.30
CA ALA A 243 -1.94 -0.16 -2.38
C ALA A 243 -1.32 -1.46 -2.92
N CYS A 244 -1.61 -1.78 -4.19
CA CYS A 244 -1.01 -2.96 -4.85
C CYS A 244 0.52 -2.91 -4.86
N ALA A 245 1.08 -1.74 -5.17
CA ALA A 245 2.52 -1.53 -5.15
C ALA A 245 3.13 -1.81 -3.77
N VAL A 246 2.51 -1.25 -2.74
CA VAL A 246 2.97 -1.39 -1.37
C VAL A 246 2.89 -2.84 -0.93
N ILE A 247 1.78 -3.49 -1.26
CA ILE A 247 1.58 -4.90 -0.93
C ILE A 247 2.65 -5.76 -1.57
N ALA A 248 2.98 -5.47 -2.83
CA ALA A 248 4.01 -6.24 -3.53
C ALA A 248 5.39 -5.98 -2.92
N ALA A 249 5.74 -4.71 -2.76
CA ALA A 249 7.03 -4.33 -2.24
C ALA A 249 7.26 -4.78 -0.79
N MET A 250 6.20 -4.90 0.01
CA MET A 250 6.34 -5.40 1.38
C MET A 250 6.70 -6.85 1.42
N GLN A 251 6.30 -7.58 0.39
CA GLN A 251 6.63 -8.99 0.23
C GLN A 251 7.92 -9.22 -0.54
N GLY A 252 8.71 -8.17 -0.78
CA GLY A 252 10.03 -8.32 -1.32
C GLY A 252 10.10 -8.20 -2.84
N ALA A 253 9.06 -7.69 -3.49
CA ALA A 253 9.10 -7.46 -4.93
C ALA A 253 10.19 -6.46 -5.19
N HIS A 254 10.90 -6.63 -6.31
CA HIS A 254 12.12 -5.86 -6.58
C HIS A 254 11.93 -4.71 -7.53
N ILE A 255 11.02 -4.87 -8.49
CA ILE A 255 10.73 -3.82 -9.46
C ILE A 255 9.21 -3.66 -9.59
N ILE A 256 8.74 -2.40 -9.55
CA ILE A 256 7.31 -2.11 -9.59
C ILE A 256 7.05 -1.27 -10.84
N ARG A 257 6.28 -1.81 -11.78
CA ARG A 257 6.06 -1.15 -13.06
C ARG A 257 4.84 -0.26 -12.93
N VAL A 258 5.02 1.06 -13.09
CA VAL A 258 3.91 2.02 -12.85
C VAL A 258 3.81 3.19 -13.83
N HIS A 259 2.62 3.79 -13.89
CA HIS A 259 2.36 5.03 -14.60
C HIS A 259 2.68 6.24 -13.71
N ASP A 260 2.27 6.18 -12.45
CA ASP A 260 2.40 7.29 -11.49
C ASP A 260 3.68 7.14 -10.64
N VAL A 261 4.78 7.72 -11.13
CA VAL A 261 6.11 7.48 -10.59
C VAL A 261 6.36 8.16 -9.25
N LYS A 262 6.11 9.46 -9.18
CA LYS A 262 6.36 10.23 -7.96
C LYS A 262 5.70 9.58 -6.74
N GLU A 263 4.41 9.31 -6.87
CA GLU A 263 3.61 8.77 -5.80
C GLU A 263 4.09 7.39 -5.41
N THR A 264 4.43 6.58 -6.41
CA THR A 264 4.96 5.24 -6.13
C THR A 264 6.32 5.32 -5.44
N VAL A 265 7.19 6.20 -5.93
CA VAL A 265 8.53 6.39 -5.31
C VAL A 265 8.39 6.77 -3.83
N GLU A 266 7.52 7.71 -3.53
CA GLU A 266 7.23 8.08 -2.14
C GLU A 266 6.77 6.88 -1.30
N ALA A 267 5.83 6.11 -1.85
CA ALA A 267 5.32 4.95 -1.16
C ALA A 267 6.40 3.89 -0.91
N MET A 268 7.33 3.75 -1.86
CA MET A 268 8.40 2.74 -1.74
C MET A 268 9.46 3.11 -0.68
N ARG A 269 9.66 4.41 -0.45
CA ARG A 269 10.51 4.87 0.67
C ARG A 269 9.93 4.46 2.02
N VAL A 270 8.64 4.65 2.21
CA VAL A 270 7.97 4.24 3.43
C VAL A 270 8.18 2.74 3.61
N VAL A 271 8.01 1.99 2.52
CA VAL A 271 8.26 0.55 2.56
C VAL A 271 9.73 0.23 2.91
N GLU A 272 10.67 0.94 2.31
CA GLU A 272 12.11 0.76 2.59
C GLU A 272 12.42 1.05 4.05
N ALA A 273 11.84 2.12 4.58
CA ALA A 273 12.03 2.46 5.99
C ALA A 273 11.47 1.37 6.89
N THR A 274 10.33 0.81 6.51
CA THR A 274 9.72 -0.26 7.30
C THR A 274 10.53 -1.56 7.21
N LEU A 275 11.00 -1.93 6.01
CA LEU A 275 11.75 -3.20 5.87
C LEU A 275 13.12 -3.14 6.58
N SER A 276 13.80 -2.01 6.51
CA SER A 276 15.10 -1.91 7.16
C SER A 276 15.00 -2.01 8.69
N ALA A 277 13.85 -1.64 9.26
CA ALA A 277 13.59 -1.83 10.69
C ALA A 277 12.99 -3.21 11.04
N LYS A 278 12.62 -3.99 10.03
CA LYS A 278 12.24 -5.39 10.21
C LYS A 278 13.53 -6.21 10.34
N GLU A 279 13.48 -7.24 11.17
CA GLU A 279 14.65 -8.10 11.41
C GLU A 279 15.00 -8.94 10.20
N ASN A 280 13.98 -9.54 9.58
CA ASN A 280 14.17 -10.45 8.43
C ASN A 280 13.88 -9.85 7.03
N LYS A 281 13.68 -8.53 6.95
CA LYS A 281 13.61 -7.79 5.67
C LYS A 281 12.50 -8.22 4.66
N ARG A 282 11.40 -8.80 5.15
CA ARG A 282 10.27 -9.22 4.29
C ARG A 282 9.00 -9.52 5.09
N TYR A 283 7.84 -9.39 4.44
CA TYR A 283 6.54 -9.85 4.98
C TYR A 283 6.01 -11.06 4.22
N GLU A 284 5.41 -11.99 4.95
CA GLU A 284 4.92 -13.27 4.39
C GLU A 284 3.67 -13.70 5.14
N SER B 2 -13.75 -12.43 13.30
CA SER B 2 -14.63 -12.76 14.41
C SER B 2 -14.71 -11.61 15.41
N MET B 3 -13.63 -10.85 15.51
CA MET B 3 -13.59 -9.72 16.44
C MET B 3 -14.78 -8.79 16.24
N LYS B 4 -15.24 -8.21 17.33
CA LYS B 4 -16.40 -7.30 17.31
C LYS B 4 -16.47 -6.37 18.52
N LEU B 5 -16.90 -5.13 18.29
CA LEU B 5 -17.16 -4.16 19.37
C LEU B 5 -18.65 -3.84 19.42
N PHE B 6 -19.14 -3.60 20.62
CA PHE B 6 -20.54 -3.30 20.86
C PHE B 6 -20.62 -1.99 21.61
N ALA B 7 -21.49 -1.11 21.14
CA ALA B 7 -21.77 0.13 21.81
C ALA B 7 -23.06 0.74 21.28
N GLN B 8 -23.84 1.35 22.18
CA GLN B 8 -25.01 2.14 21.82
C GLN B 8 -25.98 1.35 20.94
N GLY B 9 -26.11 0.06 21.26
CA GLY B 9 -27.01 -0.85 20.57
C GLY B 9 -26.62 -1.31 19.20
N THR B 10 -25.40 -0.98 18.76
CA THR B 10 -24.93 -1.42 17.46
C THR B 10 -23.60 -2.17 17.67
N SER B 11 -23.02 -2.62 16.58
CA SER B 11 -21.78 -3.37 16.66
C SER B 11 -20.90 -3.04 15.48
N LEU B 12 -19.60 -3.14 15.70
CA LEU B 12 -18.61 -2.89 14.68
C LEU B 12 -17.92 -4.23 14.42
N ASP B 13 -17.93 -4.66 13.17
CA ASP B 13 -17.41 -5.95 12.74
C ASP B 13 -15.97 -5.71 12.29
N LEU B 14 -15.01 -6.19 13.09
CA LEU B 14 -13.58 -5.99 12.82
C LEU B 14 -12.91 -7.15 12.07
N SER B 15 -13.70 -7.94 11.35
CA SER B 15 -13.19 -8.95 10.43
C SER B 15 -12.49 -8.34 9.20
N HIS B 16 -12.76 -7.05 8.93
CA HIS B 16 -12.06 -6.27 7.90
C HIS B 16 -11.61 -4.92 8.49
N PRO B 17 -10.66 -4.25 7.84
CA PRO B 17 -10.22 -2.97 8.39
C PRO B 17 -11.26 -1.86 8.16
N HIS B 18 -11.40 -1.01 9.19
CA HIS B 18 -12.21 0.19 9.15
C HIS B 18 -11.37 1.45 9.06
N VAL B 19 -11.90 2.43 8.34
CA VAL B 19 -11.33 3.77 8.25
C VAL B 19 -12.09 4.72 9.17
N MET B 20 -11.36 5.33 10.10
CA MET B 20 -11.86 6.33 10.99
C MET B 20 -11.42 7.69 10.48
N GLY B 21 -12.39 8.52 10.10
CA GLY B 21 -12.15 9.86 9.59
C GLY B 21 -11.94 10.84 10.74
N ILE B 22 -11.06 11.81 10.54
CA ILE B 22 -10.74 12.76 11.61
C ILE B 22 -11.66 13.97 11.43
N LEU B 23 -12.34 14.38 12.51
CA LEU B 23 -13.17 15.59 12.53
C LEU B 23 -12.69 16.52 13.66
N ASN B 24 -12.11 17.65 13.30
CA ASN B 24 -11.65 18.66 14.28
C ASN B 24 -12.75 19.71 14.48
N VAL B 25 -13.07 19.99 15.74
CA VAL B 25 -14.04 21.04 16.12
C VAL B 25 -13.32 22.29 16.62
N ASN B 37 -22.77 27.79 13.93
CA ASN B 37 -22.59 27.34 12.54
C ASN B 37 -21.38 26.44 12.29
N SER B 38 -20.46 26.36 13.24
CA SER B 38 -19.39 25.38 13.16
C SER B 38 -19.96 23.97 13.37
N LEU B 39 -21.04 23.87 14.16
CA LEU B 39 -21.84 22.64 14.28
C LEU B 39 -22.41 22.20 12.94
N ILE B 40 -22.93 23.15 12.16
CA ILE B 40 -23.45 22.87 10.81
C ILE B 40 -22.33 22.37 9.88
N ASP B 41 -21.15 22.95 10.01
CA ASP B 41 -20.00 22.59 9.20
C ASP B 41 -19.39 21.25 9.61
N ALA B 42 -19.36 20.98 10.91
CA ALA B 42 -18.90 19.69 11.42
C ALA B 42 -19.80 18.57 10.89
N VAL B 43 -21.11 18.81 10.94
CA VAL B 43 -22.07 17.86 10.39
C VAL B 43 -21.90 17.71 8.88
N LYS B 44 -21.61 18.80 8.16
CA LYS B 44 -21.30 18.69 6.72
C LYS B 44 -20.07 17.82 6.47
N HIS B 45 -19.03 18.01 7.27
CA HIS B 45 -17.79 17.27 7.10
C HIS B 45 -17.93 15.80 7.53
N ALA B 46 -18.72 15.54 8.57
CA ALA B 46 -19.11 14.16 8.90
C ALA B 46 -19.79 13.52 7.70
N ASN B 47 -20.79 14.20 7.14
CA ASN B 47 -21.49 13.67 5.97
C ASN B 47 -20.58 13.29 4.80
N LEU B 48 -19.58 14.12 4.51
CA LEU B 48 -18.70 13.85 3.37
C LEU B 48 -17.81 12.64 3.63
N MET B 49 -17.42 12.48 4.89
CA MET B 49 -16.53 11.38 5.28
C MET B 49 -17.27 10.06 5.27
N ILE B 50 -18.53 10.07 5.70
CA ILE B 50 -19.40 8.89 5.59
C ILE B 50 -19.56 8.51 4.12
N ASN B 51 -19.86 9.49 3.28
CA ASN B 51 -19.96 9.29 1.83
C ASN B 51 -18.71 8.68 1.27
N ALA B 52 -17.56 9.11 1.78
CA ALA B 52 -16.27 8.59 1.35
C ALA B 52 -15.97 7.17 1.85
N GLY B 53 -16.72 6.71 2.85
CA GLY B 53 -16.64 5.34 3.35
C GLY B 53 -16.08 5.18 4.76
N ALA B 54 -15.94 6.27 5.52
CA ALA B 54 -15.52 6.15 6.93
C ALA B 54 -16.63 5.48 7.67
N THR B 55 -16.29 4.48 8.48
CA THR B 55 -17.28 3.85 9.37
C THR B 55 -17.17 4.33 10.81
N ILE B 56 -16.18 5.14 11.10
CA ILE B 56 -16.04 5.77 12.43
C ILE B 56 -15.61 7.19 12.15
N ILE B 57 -16.11 8.13 12.94
CA ILE B 57 -15.68 9.54 12.89
C ILE B 57 -15.11 9.88 14.25
N ASP B 58 -13.89 10.42 14.26
CA ASP B 58 -13.18 10.76 15.49
C ASP B 58 -13.36 12.25 15.76
N VAL B 59 -14.04 12.58 16.85
CA VAL B 59 -14.30 13.96 17.22
C VAL B 59 -13.40 14.44 18.35
N GLY B 60 -12.70 15.55 18.11
CA GLY B 60 -11.82 16.13 19.11
C GLY B 60 -12.10 17.60 19.36
N GLY B 61 -12.25 17.98 20.63
CA GLY B 61 -12.53 19.37 21.02
C GLY B 61 -11.46 19.97 21.90
N GLU B 62 -10.44 19.15 22.19
CA GLU B 62 -9.09 19.58 22.56
C GLU B 62 -8.14 18.95 21.54
N SER B 63 -7.57 19.77 20.64
CA SER B 63 -6.62 19.24 19.68
C SER B 63 -5.56 18.45 20.43
N THR B 64 -5.47 17.18 20.11
CA THR B 64 -4.55 16.30 20.81
C THR B 64 -3.15 16.30 20.20
N ARG B 65 -2.80 17.33 19.41
CA ARG B 65 -1.44 17.44 18.90
C ARG B 65 -0.50 17.79 20.06
N PRO B 66 0.76 17.35 20.00
CA PRO B 66 1.71 17.75 21.05
C PRO B 66 1.92 19.26 21.06
N GLY B 67 1.77 19.86 22.25
CA GLY B 67 1.89 21.30 22.42
C GLY B 67 0.61 22.09 22.20
N ALA B 68 -0.47 21.44 21.77
CA ALA B 68 -1.73 22.14 21.53
C ALA B 68 -2.30 22.74 22.81
N ALA B 69 -3.22 23.67 22.63
CA ALA B 69 -3.73 24.47 23.75
C ALA B 69 -4.70 23.65 24.59
N GLU B 70 -4.48 23.59 25.90
CA GLU B 70 -5.39 22.94 26.82
C GLU B 70 -6.66 23.75 26.93
N VAL B 71 -7.79 23.07 27.15
CA VAL B 71 -9.07 23.76 27.35
C VAL B 71 -9.69 23.30 28.66
N SER B 72 -10.64 24.10 29.14
CA SER B 72 -11.36 23.79 30.35
C SER B 72 -12.44 22.76 30.05
N VAL B 73 -13.01 22.22 31.13
CA VAL B 73 -14.08 21.22 31.05
C VAL B 73 -15.26 21.82 30.31
N GLU B 74 -15.77 22.92 30.82
CA GLU B 74 -16.85 23.68 30.20
C GLU B 74 -16.69 23.88 28.69
N GLU B 75 -15.47 24.24 28.28
CA GLU B 75 -15.20 24.56 26.89
C GLU B 75 -15.22 23.29 26.06
N GLU B 76 -14.56 22.24 26.54
CA GLU B 76 -14.54 20.97 25.83
C GLU B 76 -15.98 20.41 25.68
N LEU B 77 -16.77 20.41 26.76
CA LEU B 77 -18.19 20.03 26.68
C LEU B 77 -18.93 20.84 25.63
N GLN B 78 -18.71 22.15 25.65
CA GLN B 78 -19.42 23.01 24.71
C GLN B 78 -19.05 22.71 23.25
N ARG B 79 -17.81 22.30 22.99
CA ARG B 79 -17.35 21.97 21.63
C ARG B 79 -17.76 20.60 21.14
N VAL B 80 -17.59 19.60 22.01
CA VAL B 80 -17.66 18.20 21.62
C VAL B 80 -19.10 17.69 21.66
N ILE B 81 -19.78 17.93 22.78
CA ILE B 81 -21.08 17.33 23.04
C ILE B 81 -22.12 17.61 21.96
N PRO B 82 -22.30 18.90 21.55
CA PRO B 82 -23.26 19.16 20.47
C PRO B 82 -22.98 18.40 19.18
N VAL B 83 -21.70 18.23 18.86
CA VAL B 83 -21.29 17.63 17.59
C VAL B 83 -21.52 16.12 17.62
N VAL B 84 -21.12 15.47 18.72
CA VAL B 84 -21.40 14.05 18.96
C VAL B 84 -22.91 13.83 18.83
N GLU B 85 -23.69 14.63 19.56
CA GLU B 85 -25.13 14.49 19.57
C GLU B 85 -25.74 14.60 18.18
N ALA B 86 -25.32 15.62 17.44
CA ALA B 86 -25.84 15.85 16.09
C ALA B 86 -25.55 14.68 15.17
N ILE B 87 -24.33 14.17 15.23
CA ILE B 87 -23.92 13.06 14.40
C ILE B 87 -24.70 11.83 14.81
N ALA B 88 -24.83 11.58 16.11
CA ALA B 88 -25.55 10.40 16.61
C ALA B 88 -27.00 10.36 16.10
N GLN B 89 -27.64 11.52 16.08
CA GLN B 89 -29.03 11.64 15.62
C GLN B 89 -29.22 11.50 14.13
N ARG B 90 -28.27 12.01 13.35
CA ARG B 90 -28.42 12.05 11.90
C ARG B 90 -27.86 10.86 11.13
N PHE B 91 -26.87 10.17 11.69
CA PHE B 91 -26.12 9.17 10.92
C PHE B 91 -26.02 7.85 11.68
N GLU B 92 -25.72 6.79 10.94
CA GLU B 92 -25.58 5.42 11.51
C GLU B 92 -24.15 5.15 12.00
N VAL B 93 -23.21 5.92 11.49
CA VAL B 93 -21.78 5.79 11.78
C VAL B 93 -21.38 5.74 13.26
N TRP B 94 -20.28 5.05 13.55
CA TRP B 94 -19.71 5.08 14.89
C TRP B 94 -18.93 6.39 15.11
N ILE B 95 -18.85 6.75 16.38
CA ILE B 95 -18.36 8.04 16.84
C ILE B 95 -17.34 7.76 17.90
N SER B 96 -16.12 8.15 17.58
CA SER B 96 -15.00 8.10 18.51
C SER B 96 -14.89 9.47 19.13
N VAL B 97 -14.58 9.55 20.43
CA VAL B 97 -14.37 10.88 21.06
C VAL B 97 -12.96 10.98 21.66
N ASP B 98 -12.24 12.00 21.21
CA ASP B 98 -10.90 12.32 21.69
C ASP B 98 -11.02 13.17 22.93
N THR B 99 -10.95 12.55 24.09
CA THR B 99 -10.96 13.32 25.33
C THR B 99 -10.24 12.56 26.42
N SER B 100 -9.81 13.31 27.42
CA SER B 100 -9.20 12.79 28.62
C SER B 100 -9.96 13.13 29.90
N LYS B 101 -11.05 13.88 29.78
CA LYS B 101 -11.75 14.42 30.93
C LYS B 101 -12.99 13.56 31.28
N PRO B 102 -13.12 13.11 32.54
CA PRO B 102 -14.26 12.29 32.95
C PRO B 102 -15.59 12.90 32.58
N GLU B 103 -15.76 14.21 32.76
CA GLU B 103 -17.06 14.84 32.47
C GLU B 103 -17.43 14.73 31.01
N VAL B 104 -16.44 14.84 30.15
CA VAL B 104 -16.63 14.77 28.70
C VAL B 104 -16.91 13.31 28.31
N ILE B 105 -16.19 12.36 28.92
CA ILE B 105 -16.41 10.92 28.71
C ILE B 105 -17.87 10.57 29.05
N ARG B 106 -18.29 11.01 30.23
CA ARG B 106 -19.62 10.79 30.76
C ARG B 106 -20.71 11.39 29.87
N GLU B 107 -20.58 12.65 29.51
CA GLU B 107 -21.58 13.31 28.68
C GLU B 107 -21.59 12.85 27.23
N SER B 108 -20.41 12.53 26.70
CA SER B 108 -20.29 11.95 25.34
C SER B 108 -21.10 10.65 25.22
N ALA B 109 -20.93 9.76 26.19
CA ALA B 109 -21.72 8.50 26.24
C ALA B 109 -23.21 8.74 26.23
N LYS B 110 -23.67 9.74 27.00
CA LYS B 110 -25.10 10.03 27.12
C LYS B 110 -25.68 10.45 25.80
N VAL B 111 -24.90 11.12 24.95
CA VAL B 111 -25.43 11.58 23.68
C VAL B 111 -24.99 10.73 22.48
N GLY B 112 -24.51 9.51 22.73
CA GLY B 112 -24.40 8.50 21.67
C GLY B 112 -23.03 8.06 21.15
N ALA B 113 -21.96 8.51 21.77
CA ALA B 113 -20.61 8.15 21.36
C ALA B 113 -20.35 6.68 21.58
N HIS B 114 -19.55 6.11 20.70
CA HIS B 114 -19.30 4.68 20.69
C HIS B 114 -17.97 4.30 21.31
N ILE B 115 -16.93 5.12 21.09
CA ILE B 115 -15.57 4.80 21.51
C ILE B 115 -14.96 5.99 22.26
N ILE B 116 -14.39 5.72 23.42
CA ILE B 116 -13.59 6.71 24.16
C ILE B 116 -12.16 6.53 23.72
N ASN B 117 -11.67 7.52 23.01
CA ASN B 117 -10.34 7.50 22.47
C ASN B 117 -9.49 8.48 23.23
N ASP B 118 -8.85 7.99 24.28
CA ASP B 118 -8.08 8.85 25.17
C ASP B 118 -6.59 8.60 24.91
N ILE B 119 -5.92 9.59 24.34
CA ILE B 119 -4.47 9.53 24.13
C ILE B 119 -3.66 9.37 25.44
N ARG B 120 -4.23 9.83 26.56
CA ARG B 120 -3.63 9.63 27.88
C ARG B 120 -4.07 8.34 28.59
N SER B 121 -4.76 7.43 27.89
CA SER B 121 -5.15 6.12 28.45
C SER B 121 -5.80 6.16 29.84
N LEU B 122 -6.68 7.15 30.03
CA LEU B 122 -7.48 7.28 31.24
C LEU B 122 -6.64 7.54 32.49
N SER B 123 -5.58 8.33 32.35
CA SER B 123 -4.70 8.65 33.47
C SER B 123 -5.17 9.86 34.27
N GLU B 124 -5.99 10.74 33.68
CA GLU B 124 -6.50 11.91 34.41
C GLU B 124 -7.43 11.49 35.57
N PRO B 125 -7.34 12.19 36.73
CA PRO B 125 -8.18 11.85 37.89
C PRO B 125 -9.63 11.64 37.49
N GLY B 126 -10.16 10.45 37.75
CA GLY B 126 -11.56 10.14 37.44
C GLY B 126 -11.89 9.59 36.07
N ALA B 127 -10.96 9.66 35.11
CA ALA B 127 -11.23 9.23 33.72
C ALA B 127 -11.48 7.73 33.65
N LEU B 128 -10.71 6.96 34.39
CA LEU B 128 -10.86 5.50 34.45
C LEU B 128 -12.25 5.08 34.91
N GLU B 129 -12.74 5.69 35.99
CA GLU B 129 -14.05 5.38 36.56
C GLU B 129 -15.18 5.85 35.66
N ALA B 130 -15.00 7.03 35.07
CA ALA B 130 -15.97 7.55 34.14
C ALA B 130 -16.08 6.64 32.92
N ALA B 131 -14.94 6.16 32.41
CA ALA B 131 -14.93 5.27 31.26
C ALA B 131 -15.62 3.95 31.60
N ALA B 132 -15.31 3.40 32.76
CA ALA B 132 -15.90 2.16 33.22
C ALA B 132 -17.41 2.30 33.36
N GLU B 133 -17.88 3.39 33.99
CA GLU B 133 -19.32 3.69 34.07
C GLU B 133 -20.03 3.61 32.72
N THR B 134 -19.41 4.14 31.67
CA THR B 134 -20.10 4.25 30.37
C THR B 134 -20.38 2.87 29.76
N GLY B 135 -19.57 1.88 30.15
CA GLY B 135 -19.60 0.57 29.51
C GLY B 135 -19.03 0.54 28.10
N LEU B 136 -18.41 1.63 27.64
CA LEU B 136 -18.08 1.76 26.22
C LEU B 136 -16.70 1.21 25.91
N PRO B 137 -16.47 0.82 24.65
CA PRO B 137 -15.11 0.54 24.20
C PRO B 137 -14.14 1.70 24.45
N VAL B 138 -12.93 1.37 24.89
CA VAL B 138 -11.88 2.35 25.23
C VAL B 138 -10.62 2.05 24.44
N CYS B 139 -10.07 3.06 23.76
CA CYS B 139 -8.79 2.90 23.09
C CYS B 139 -7.65 3.37 24.00
N LEU B 140 -6.71 2.47 24.28
CA LEU B 140 -5.53 2.73 25.08
C LEU B 140 -4.37 3.05 24.15
N MET B 141 -3.78 4.24 24.27
CA MET B 141 -2.66 4.63 23.41
C MET B 141 -1.37 4.75 24.20
N HIS B 142 -0.25 4.37 23.60
CA HIS B 142 1.05 4.58 24.24
C HIS B 142 1.51 6.00 23.92
N MET B 143 2.09 6.66 24.91
CA MET B 143 2.61 8.01 24.75
C MET B 143 3.82 8.23 25.68
N GLN B 144 4.65 9.22 25.36
CA GLN B 144 5.69 9.70 26.28
C GLN B 144 6.10 11.14 25.98
N PRO B 154 13.00 11.79 22.47
CA PRO B 154 12.54 10.40 22.32
C PRO B 154 13.67 9.40 22.55
N LYS B 155 13.50 8.44 23.46
CA LYS B 155 14.57 7.52 23.84
C LYS B 155 14.06 6.19 24.42
N TYR B 156 14.41 5.08 23.77
CA TYR B 156 14.08 3.71 24.22
C TYR B 156 15.20 2.73 23.83
N ASP B 157 15.44 1.72 24.67
CA ASP B 157 16.30 0.59 24.30
C ASP B 157 15.63 -0.21 23.18
N ASP B 158 14.42 -0.72 23.48
CA ASP B 158 13.61 -1.53 22.56
C ASP B 158 12.20 -0.95 22.60
N VAL B 159 11.89 -0.09 21.63
CA VAL B 159 10.60 0.61 21.57
C VAL B 159 9.41 -0.35 21.58
N PHE B 160 9.48 -1.45 20.85
CA PHE B 160 8.38 -2.40 20.86
C PHE B 160 8.12 -2.95 22.27
N ALA B 161 9.18 -3.33 22.98
CA ALA B 161 9.01 -3.96 24.29
C ALA B 161 8.44 -2.96 25.30
N GLU B 162 8.84 -1.69 25.20
CA GLU B 162 8.30 -0.65 26.09
C GLU B 162 6.79 -0.48 25.85
N VAL B 163 6.42 -0.30 24.58
CA VAL B 163 5.01 -0.16 24.21
C VAL B 163 4.23 -1.39 24.63
N ASN B 164 4.81 -2.57 24.42
CA ASN B 164 4.16 -3.84 24.79
C ASN B 164 3.96 -3.97 26.29
N ARG B 165 4.96 -3.55 27.05
CA ARG B 165 4.90 -3.59 28.52
C ARG B 165 3.87 -2.59 29.02
N TYR B 166 3.86 -1.41 28.42
CA TYR B 166 2.85 -0.41 28.71
C TYR B 166 1.43 -0.98 28.55
N PHE B 167 1.16 -1.69 27.45
CA PHE B 167 -0.16 -2.26 27.21
C PHE B 167 -0.57 -3.31 28.24
N ILE B 168 0.37 -4.14 28.69
CA ILE B 168 0.06 -5.18 29.71
C ILE B 168 -0.42 -4.52 30.99
N GLU B 169 0.22 -3.39 31.31
CA GLU B 169 0.00 -2.60 32.51
C GLU B 169 -1.36 -1.90 32.46
N GLN B 170 -1.64 -1.24 31.34
CA GLN B 170 -2.91 -0.55 31.16
C GLN B 170 -4.09 -1.48 31.04
N ILE B 171 -3.89 -2.62 30.39
CA ILE B 171 -4.94 -3.65 30.32
C ILE B 171 -5.32 -4.08 31.73
N ALA B 172 -4.31 -4.31 32.57
CA ALA B 172 -4.52 -4.72 33.97
C ALA B 172 -5.23 -3.63 34.74
N ARG B 173 -4.73 -2.40 34.64
CA ARG B 173 -5.34 -1.23 35.28
C ARG B 173 -6.82 -1.07 34.90
N CYS B 174 -7.13 -1.27 33.63
CA CYS B 174 -8.52 -1.24 33.17
C CYS B 174 -9.33 -2.38 33.73
N GLU B 175 -8.83 -3.60 33.59
CA GLU B 175 -9.50 -4.82 34.15
C GLU B 175 -9.79 -4.69 35.64
N GLN B 176 -8.80 -4.19 36.38
CA GLN B 176 -8.94 -3.86 37.79
C GLN B 176 -10.12 -2.91 38.07
N ALA B 177 -10.30 -1.89 37.23
CA ALA B 177 -11.40 -0.93 37.40
C ALA B 177 -12.75 -1.40 36.86
N GLY B 178 -12.86 -2.65 36.42
CA GLY B 178 -14.12 -3.19 35.90
C GLY B 178 -14.32 -3.12 34.40
N ILE B 179 -13.29 -2.74 33.65
CA ILE B 179 -13.39 -2.66 32.20
C ILE B 179 -12.85 -3.97 31.64
N ALA B 180 -13.71 -4.75 31.00
CA ALA B 180 -13.32 -6.03 30.44
C ALA B 180 -12.42 -5.86 29.24
N LYS B 181 -11.52 -6.82 29.05
CA LYS B 181 -10.71 -6.93 27.82
C LYS B 181 -11.52 -6.71 26.56
N GLU B 182 -12.72 -7.24 26.51
CA GLU B 182 -13.58 -7.19 25.29
C GLU B 182 -13.92 -5.76 24.87
N LYS B 183 -13.68 -4.79 25.77
CA LYS B 183 -13.91 -3.37 25.52
C LYS B 183 -12.70 -2.59 25.03
N LEU B 184 -11.50 -3.17 25.09
CA LEU B 184 -10.27 -2.40 24.90
C LEU B 184 -9.77 -2.46 23.48
N LEU B 185 -9.17 -1.37 23.03
CA LEU B 185 -8.42 -1.31 21.78
C LEU B 185 -7.06 -0.81 22.15
N LEU B 186 -6.06 -1.17 21.32
CA LEU B 186 -4.65 -0.77 21.55
C LEU B 186 -4.09 0.05 20.40
N ASP B 187 -3.47 1.17 20.75
CA ASP B 187 -2.84 2.06 19.78
C ASP B 187 -1.40 2.35 20.22
N PRO B 188 -0.39 2.00 19.38
CA PRO B 188 1.00 2.19 19.76
C PRO B 188 1.46 3.65 19.73
N GLY B 189 0.60 4.54 19.22
CA GLY B 189 0.79 5.97 19.33
C GLY B 189 1.88 6.52 18.43
N PHE B 190 1.79 6.27 17.14
CA PHE B 190 2.76 6.82 16.17
C PHE B 190 2.88 8.34 16.35
N GLY B 191 4.12 8.85 16.38
CA GLY B 191 4.38 10.31 16.51
C GLY B 191 4.32 10.93 17.91
N PHE B 192 4.16 10.10 18.95
CA PHE B 192 4.01 10.58 20.33
C PHE B 192 5.21 10.19 21.21
N GLY B 193 6.15 11.12 21.32
CA GLY B 193 7.42 10.87 22.02
C GLY B 193 8.26 9.84 21.28
N LYS B 194 8.23 9.92 19.94
CA LYS B 194 8.87 8.92 19.09
C LYS B 194 9.49 9.59 17.86
N ASN B 195 10.76 9.32 17.67
CA ASN B 195 11.47 9.73 16.46
C ASN B 195 11.22 8.78 15.30
N LEU B 196 11.71 9.18 14.13
CA LEU B 196 11.55 8.46 12.87
C LEU B 196 11.82 6.96 13.01
N SER B 197 12.97 6.60 13.54
CA SER B 197 13.36 5.19 13.59
C SER B 197 12.54 4.37 14.61
N HIS B 198 12.06 5.02 15.67
CA HIS B 198 11.16 4.36 16.62
C HIS B 198 9.80 4.09 15.97
N ASN B 199 9.27 5.10 15.28
CA ASN B 199 8.01 4.94 14.57
C ASN B 199 8.05 3.76 13.58
N TYR B 200 9.06 3.73 12.71
CA TYR B 200 9.19 2.63 11.74
C TYR B 200 9.46 1.29 12.37
N SER B 201 10.05 1.26 13.56
CA SER B 201 10.22 0.00 14.30
C SER B 201 8.89 -0.57 14.78
N LEU B 202 8.00 0.29 15.29
CA LEU B 202 6.67 -0.18 15.72
C LEU B 202 5.82 -0.57 14.54
N LEU B 203 5.89 0.20 13.45
CA LEU B 203 5.17 -0.15 12.23
C LEU B 203 5.65 -1.49 11.70
N ALA B 204 6.96 -1.70 11.67
CA ALA B 204 7.53 -2.98 11.16
C ALA B 204 7.12 -4.19 12.01
N ARG B 205 6.90 -3.96 13.30
CA ARG B 205 6.58 -5.05 14.23
C ARG B 205 5.12 -5.05 14.71
N LEU B 206 4.27 -4.30 14.02
CA LEU B 206 2.89 -4.10 14.44
C LEU B 206 2.13 -5.43 14.64
N ALA B 207 2.36 -6.38 13.74
CA ALA B 207 1.71 -7.69 13.82
C ALA B 207 1.96 -8.43 15.15
N GLU B 208 3.10 -8.14 15.80
CA GLU B 208 3.42 -8.77 17.10
C GLU B 208 2.43 -8.41 18.23
N PHE B 209 1.78 -7.23 18.13
CA PHE B 209 0.78 -6.83 19.11
C PHE B 209 -0.52 -7.65 19.12
N HIS B 210 -0.69 -8.55 18.16
CA HIS B 210 -1.84 -9.46 18.14
C HIS B 210 -1.83 -10.54 19.23
N HIS B 211 -0.74 -10.70 19.98
CA HIS B 211 -0.74 -11.69 21.07
C HIS B 211 -1.78 -11.37 22.16
N PHE B 212 -2.11 -10.09 22.32
CA PHE B 212 -3.17 -9.64 23.21
C PHE B 212 -4.57 -10.06 22.77
N ASN B 213 -4.73 -10.36 21.48
CA ASN B 213 -6.03 -10.65 20.89
C ASN B 213 -7.05 -9.50 21.07
N LEU B 214 -6.57 -8.28 20.89
CA LEU B 214 -7.41 -7.08 20.94
C LEU B 214 -7.31 -6.30 19.63
N PRO B 215 -8.30 -5.44 19.34
CA PRO B 215 -8.18 -4.57 18.16
C PRO B 215 -7.00 -3.60 18.25
N LEU B 216 -6.41 -3.32 17.10
CA LEU B 216 -5.31 -2.41 16.94
C LEU B 216 -5.81 -1.24 16.11
N LEU B 217 -5.57 -0.03 16.62
CA LEU B 217 -5.94 1.22 15.97
C LEU B 217 -4.64 1.96 15.77
N VAL B 218 -4.44 2.49 14.56
CA VAL B 218 -3.22 3.23 14.26
C VAL B 218 -3.60 4.54 13.64
N GLY B 219 -2.75 5.53 13.83
CA GLY B 219 -2.94 6.83 13.23
C GLY B 219 -1.60 7.39 12.83
N MET B 220 -1.27 7.27 11.55
CA MET B 220 -0.02 7.81 11.00
C MET B 220 -0.30 8.92 9.99
N SER B 221 -1.56 9.16 9.67
CA SER B 221 -1.93 10.04 8.56
C SER B 221 -1.28 11.41 8.68
N ARG B 222 -0.58 11.80 7.61
CA ARG B 222 0.14 13.08 7.46
C ARG B 222 1.19 13.40 8.51
N LYS B 223 1.64 12.39 9.28
CA LYS B 223 2.61 12.67 10.37
C LYS B 223 4.05 12.91 9.91
N SER B 224 4.84 13.43 10.86
CA SER B 224 6.22 13.76 10.58
C SER B 224 7.02 12.52 10.26
N MET B 225 6.63 11.36 10.78
CA MET B 225 7.26 10.10 10.32
C MET B 225 7.20 9.92 8.78
N ILE B 226 6.25 10.60 8.14
CA ILE B 226 6.16 10.65 6.68
C ILE B 226 6.83 11.92 6.12
N GLY B 227 6.46 13.08 6.67
CA GLY B 227 7.04 14.36 6.28
C GLY B 227 8.55 14.41 6.28
N GLN B 228 9.17 13.85 7.32
CA GLN B 228 10.62 13.85 7.45
C GLN B 228 11.29 12.88 6.51
N LEU B 229 10.68 11.74 6.30
CA LEU B 229 11.23 10.72 5.41
C LEU B 229 11.22 11.19 3.96
N LEU B 230 10.10 11.76 3.52
CA LEU B 230 9.93 12.21 2.14
C LEU B 230 10.38 13.65 1.90
N ASN B 231 10.57 14.42 2.97
CA ASN B 231 10.93 15.84 2.88
C ASN B 231 9.88 16.64 2.08
N VAL B 232 8.61 16.49 2.48
CA VAL B 232 7.51 17.26 1.93
C VAL B 232 6.65 17.80 3.08
N GLY B 233 5.84 18.80 2.77
CA GLY B 233 4.98 19.46 3.74
C GLY B 233 3.70 18.69 4.01
N PRO B 234 2.85 19.19 4.93
CA PRO B 234 1.73 18.43 5.48
C PRO B 234 0.61 18.10 4.48
N SER B 235 0.49 18.91 3.43
CA SER B 235 -0.50 18.68 2.39
C SER B 235 -0.02 17.73 1.27
N GLU B 236 1.25 17.33 1.29
CA GLU B 236 1.86 16.53 0.22
C GLU B 236 2.20 15.10 0.67
N ARG B 237 1.57 14.62 1.73
CA ARG B 237 1.94 13.34 2.33
C ARG B 237 0.92 12.22 2.05
N LEU B 238 0.04 12.40 1.06
CA LEU B 238 -1.02 11.41 0.78
C LEU B 238 -0.50 10.02 0.47
N SER B 239 0.49 9.94 -0.42
CA SER B 239 1.02 8.65 -0.86
C SER B 239 1.70 7.88 0.26
N GLY B 240 2.47 8.59 1.06
CA GLY B 240 3.13 8.01 2.22
C GLY B 240 2.14 7.60 3.28
N SER B 241 1.13 8.43 3.52
CA SER B 241 0.04 8.10 4.43
C SER B 241 -0.69 6.81 4.01
N LEU B 242 -0.94 6.68 2.72
CA LEU B 242 -1.59 5.48 2.17
C LEU B 242 -0.66 4.28 2.37
N ALA B 243 0.63 4.48 2.14
CA ALA B 243 1.64 3.43 2.30
C ALA B 243 1.64 2.91 3.74
N CYS B 244 1.64 3.83 4.71
CA CYS B 244 1.52 3.46 6.12
C CYS B 244 0.24 2.69 6.46
N ALA B 245 -0.89 3.15 5.94
CA ALA B 245 -2.18 2.48 6.18
C ALA B 245 -2.16 1.06 5.64
N VAL B 246 -1.62 0.88 4.44
CA VAL B 246 -1.56 -0.43 3.81
C VAL B 246 -0.62 -1.34 4.60
N ILE B 247 0.52 -0.79 4.99
CA ILE B 247 1.49 -1.54 5.78
C ILE B 247 0.88 -2.04 7.10
N ALA B 248 0.16 -1.15 7.80
CA ALA B 248 -0.52 -1.52 9.03
C ALA B 248 -1.66 -2.51 8.78
N ALA B 249 -2.49 -2.23 7.78
CA ALA B 249 -3.65 -3.07 7.49
C ALA B 249 -3.25 -4.47 7.04
N MET B 250 -2.19 -4.58 6.24
CA MET B 250 -1.67 -5.91 5.87
C MET B 250 -1.23 -6.74 7.07
N GLN B 251 -0.86 -6.08 8.16
CA GLN B 251 -0.53 -6.73 9.41
C GLN B 251 -1.72 -6.98 10.33
N GLY B 252 -2.93 -6.74 9.85
CA GLY B 252 -4.13 -7.04 10.61
C GLY B 252 -4.61 -5.93 11.52
N ALA B 253 -4.09 -4.72 11.32
CA ALA B 253 -4.60 -3.55 12.02
C ALA B 253 -6.07 -3.36 11.68
N HIS B 254 -6.87 -3.12 12.71
CA HIS B 254 -8.33 -3.11 12.59
C HIS B 254 -8.96 -1.76 12.27
N ILE B 255 -8.37 -0.68 12.77
CA ILE B 255 -8.91 0.70 12.59
C ILE B 255 -7.75 1.59 12.19
N ILE B 256 -7.93 2.34 11.10
CA ILE B 256 -6.96 3.28 10.60
C ILE B 256 -7.56 4.67 10.71
N ARG B 257 -6.87 5.55 11.42
CA ARG B 257 -7.30 6.94 11.66
C ARG B 257 -6.69 7.85 10.61
N VAL B 258 -7.49 8.52 9.79
CA VAL B 258 -6.96 9.30 8.67
C VAL B 258 -7.67 10.61 8.39
N HIS B 259 -6.99 11.46 7.62
CA HIS B 259 -7.57 12.67 7.05
C HIS B 259 -8.23 12.40 5.70
N ASP B 260 -7.62 11.54 4.90
CA ASP B 260 -7.99 11.34 3.50
C ASP B 260 -8.81 10.05 3.39
N VAL B 261 -10.10 10.17 3.66
CA VAL B 261 -10.95 9.01 3.88
C VAL B 261 -11.09 8.19 2.61
N LYS B 262 -11.53 8.82 1.53
CA LYS B 262 -11.82 8.11 0.29
C LYS B 262 -10.65 7.28 -0.18
N GLU B 263 -9.48 7.88 -0.21
CA GLU B 263 -8.27 7.24 -0.70
C GLU B 263 -7.86 6.04 0.18
N THR B 264 -7.98 6.21 1.51
CA THR B 264 -7.66 5.16 2.45
C THR B 264 -8.66 4.01 2.30
N VAL B 265 -9.96 4.33 2.14
CA VAL B 265 -11.00 3.28 2.01
C VAL B 265 -10.71 2.40 0.79
N GLU B 266 -10.36 3.04 -0.30
CA GLU B 266 -9.97 2.33 -1.52
C GLU B 266 -8.78 1.40 -1.34
N ALA B 267 -7.72 1.93 -0.71
CA ALA B 267 -6.54 1.16 -0.38
C ALA B 267 -6.87 -0.03 0.52
N MET B 268 -7.76 0.17 1.50
CA MET B 268 -8.20 -0.90 2.38
C MET B 268 -9.00 -1.98 1.69
N ARG B 269 -9.71 -1.60 0.64
CA ARG B 269 -10.47 -2.55 -0.16
C ARG B 269 -9.51 -3.50 -0.87
N VAL B 270 -8.41 -2.96 -1.39
CA VAL B 270 -7.35 -3.75 -2.04
C VAL B 270 -6.69 -4.68 -1.03
N VAL B 271 -6.44 -4.16 0.17
CA VAL B 271 -5.87 -4.95 1.23
C VAL B 271 -6.83 -6.08 1.59
N GLU B 272 -8.13 -5.78 1.70
CA GLU B 272 -9.12 -6.80 2.04
C GLU B 272 -9.21 -7.92 0.98
N ALA B 273 -9.15 -7.56 -0.29
CA ALA B 273 -9.14 -8.56 -1.37
C ALA B 273 -7.89 -9.45 -1.26
N THR B 274 -6.75 -8.84 -0.98
CA THR B 274 -5.50 -9.57 -0.78
C THR B 274 -5.60 -10.52 0.41
N LEU B 275 -5.98 -9.98 1.57
CA LEU B 275 -6.12 -10.80 2.78
C LEU B 275 -7.14 -11.95 2.64
N SER B 276 -8.24 -11.71 1.95
CA SER B 276 -9.21 -12.78 1.65
C SER B 276 -8.66 -13.93 0.83
N ALA B 277 -7.74 -13.66 -0.08
CA ALA B 277 -7.10 -14.72 -0.87
C ALA B 277 -5.94 -15.40 -0.15
N LYS B 278 -5.55 -14.88 1.01
CA LYS B 278 -4.45 -15.44 1.77
C LYS B 278 -4.98 -16.45 2.78
N GLU B 279 -4.27 -17.58 2.88
CA GLU B 279 -4.63 -18.65 3.84
C GLU B 279 -4.55 -18.19 5.30
N ASN B 280 -3.65 -17.24 5.59
CA ASN B 280 -3.39 -16.71 6.93
C ASN B 280 -4.22 -15.49 7.41
N LYS B 281 -4.80 -14.71 6.49
CA LYS B 281 -5.53 -13.45 6.84
C LYS B 281 -4.62 -12.36 7.53
N ARG B 282 -3.30 -12.46 7.33
CA ARG B 282 -2.34 -11.54 7.94
C ARG B 282 -0.95 -11.68 7.30
N TYR B 283 -0.16 -10.60 7.35
CA TYR B 283 1.27 -10.65 7.00
C TYR B 283 2.11 -10.34 8.23
N GLU B 284 3.18 -11.13 8.38
CA GLU B 284 4.08 -11.04 9.53
C GLU B 284 5.50 -11.11 9.03
P PO4 C . 0.28 -0.16 -20.13
O1 PO4 C . 0.25 -0.70 -18.72
O2 PO4 C . -0.15 1.29 -20.12
O3 PO4 C . -0.66 -0.96 -20.99
O4 PO4 C . 1.69 -0.26 -20.68
C2 PT1 D . 3.32 -6.35 -16.88
C3 PT1 D . 2.97 -5.57 -18.09
C5 PT1 D . 4.05 -5.36 -19.03
N6 PT1 D . 1.76 -5.06 -18.35
C7 PT1 D . 5.51 -6.53 -17.65
N9 PT1 D . 5.26 -5.85 -18.77
C10 PT1 D . 1.54 -4.41 -19.50
N11 PT1 D . 6.73 -7.05 -17.40
C12 PT1 D . 2.59 -4.23 -20.39
C21 PT1 D . -5.55 -4.80 -17.19
O22 PT1 D . -6.24 -3.80 -17.04
O1 PT1 D . 2.45 -6.62 -15.91
N4 PT1 D . 4.57 -6.78 -16.74
N8 PT1 D . 3.81 -4.70 -20.15
C13 PT1 D . 0.20 -3.82 -19.86
N14 PT1 D . -0.82 -4.79 -20.18
C15 PT1 D . -1.95 -4.77 -19.47
C16 PT1 D . -2.49 -5.95 -19.03
C17 PT1 D . -2.60 -3.58 -19.20
C18 PT1 D . -3.65 -5.92 -18.30
C19 PT1 D . -3.77 -3.55 -18.47
C20 PT1 D . -4.30 -4.74 -18.01
O23 PT1 D . -5.82 -5.86 -16.64
P PO4 E . -4.65 15.38 13.82
O1 PO4 E . -5.80 15.10 14.77
O2 PO4 E . -4.13 14.08 13.27
O3 PO4 E . -3.55 16.10 14.56
O4 PO4 E . -5.15 16.24 12.68
C2 PT1 F . -3.47 8.71 17.22
C3 PT1 F . -3.91 10.06 17.36
C5 PT1 F . -5.07 10.30 18.14
N6 PT1 F . -3.27 11.07 16.78
C7 PT1 F . -5.25 8.04 18.54
N9 PT1 F . -5.70 9.27 18.70
C10 PT1 F . -3.71 12.29 16.94
N11 PT1 F . -5.93 7.00 19.14
C12 PT1 F . -4.85 12.55 17.70
C21 PT1 F . 3.12 14.27 14.27
O22 PT1 F . 4.12 13.60 14.62
O1 PT1 F . -2.37 8.42 16.48
N4 PT1 F . -4.16 7.76 17.82
N8 PT1 F . -5.50 11.56 18.29
C13 PT1 F . -2.98 13.44 16.29
N14 PT1 F . -1.75 13.72 17.03
C15 PT1 F . -0.55 13.86 16.35
C16 PT1 F . 0.63 13.44 16.94
C17 PT1 F . -0.53 14.40 15.07
C18 PT1 F . 1.82 13.57 16.27
C19 PT1 F . 0.65 14.54 14.40
C20 PT1 F . 1.85 14.12 14.99
O23 PT1 F . 3.22 15.06 13.31
#